data_3RSM
#
_entry.id   3RSM
#
_cell.length_a   71.034
_cell.length_b   72.806
_cell.length_c   92.997
_cell.angle_alpha   90.00
_cell.angle_beta   90.00
_cell.angle_gamma   90.00
#
_symmetry.space_group_name_H-M   'P 21 21 21'
#
loop_
_entity.id
_entity.type
_entity.pdbx_description
1 polymer Phosphomannomutase/phosphoglucomutase
2 non-polymer 'ZINC ION'
3 non-polymer 'PHOSPHATE ION'
4 water water
#
_entity_poly.entity_id   1
_entity_poly.type   'polypeptide(L)'
_entity_poly.pdbx_seq_one_letter_code
;MSTVKAPTLPASIFRAYDIRGVVGDTLTAETAYWIGRAIGSESLARGEPCVAVGRDGRLSGPELVKQLIQGLVDCGCQVS
DVGMVPTPVLYYAANVLEGKSGVMLTGCHNPPDYNGFKIVVAGETLANEQIQALRERIEKNDLASGVGSVEQVDILPRYF
KQIRDDIAMAKPMKVVVDCGNGVAGVIAPQLIEALGCSVIPLYCEVDGNFPNHHPDPGKPENLKDLIAKVKAENADLGLA
FDGDGDRVGVVTNTGTIIYPDRLLMLFAKDVVSRNPGADIIFDVKCTRRLIALISGYGGRPVMWKTGHSLIKKKMKETGA
LLAGEMSGHVFFKERWFGFDDGIYSAARLLEILSQDQRDSEHVFSAFPSDISTPEINITVTEDSKFAIIEALQRDAQWGE
GNITTLDGVRVDYPKGWGLVRASNTTPVLVLRFEADTEEELERIKTVFRNQLKAVDSSLPVPF
;
_entity_poly.pdbx_strand_id   A
#
loop_
_chem_comp.id
_chem_comp.type
_chem_comp.name
_chem_comp.formula
PO4 non-polymer 'PHOSPHATE ION' 'O4 P -3'
ZN non-polymer 'ZINC ION' 'Zn 2'
#
# COMPACT_ATOMS: atom_id res chain seq x y z
N SER A 12 -22.80 3.91 -11.46
CA SER A 12 -22.09 4.45 -10.26
C SER A 12 -20.87 3.61 -9.87
N ILE A 13 -19.82 4.29 -9.41
CA ILE A 13 -18.58 3.64 -8.97
C ILE A 13 -18.53 3.44 -7.45
N PHE A 14 -18.68 2.18 -7.01
CA PHE A 14 -18.58 1.78 -5.60
C PHE A 14 -17.76 0.48 -5.54
N ARG A 15 -16.46 0.60 -5.33
CA ARG A 15 -15.56 -0.56 -5.38
C ARG A 15 -15.58 -1.45 -4.13
N ALA A 16 -14.60 -2.35 -4.03
CA ALA A 16 -14.48 -3.25 -2.89
C ALA A 16 -13.48 -2.71 -1.86
N LEU A 27 -18.94 10.68 -10.23
CA LEU A 27 -18.20 11.28 -9.13
C LEU A 27 -18.03 12.79 -9.34
N THR A 28 -19.01 13.55 -8.84
CA THR A 28 -18.94 15.00 -8.80
C THR A 28 -19.52 15.50 -7.46
N ALA A 29 -19.96 16.76 -7.43
CA ALA A 29 -20.45 17.38 -6.20
C ALA A 29 -21.63 16.65 -5.56
N GLU A 30 -22.66 16.36 -6.36
CA GLU A 30 -23.86 15.64 -5.87
C GLU A 30 -23.48 14.24 -5.33
N THR A 31 -22.63 13.53 -6.07
CA THR A 31 -22.12 12.22 -5.65
C THR A 31 -21.40 12.34 -4.29
N ALA A 32 -20.55 13.35 -4.16
CA ALA A 32 -19.81 13.58 -2.93
C ALA A 32 -20.72 13.81 -1.73
N TYR A 33 -21.77 14.60 -1.91
CA TYR A 33 -22.68 14.92 -0.80
C TYR A 33 -23.35 13.68 -0.23
N TRP A 34 -23.89 12.82 -1.09
CA TRP A 34 -24.59 11.61 -0.63
C TRP A 34 -23.63 10.50 -0.19
N ILE A 35 -22.36 10.60 -0.59
CA ILE A 35 -21.36 9.67 -0.09
C ILE A 35 -21.05 10.03 1.36
N GLY A 36 -20.90 11.32 1.62
CA GLY A 36 -20.70 11.84 2.98
C GLY A 36 -21.90 11.54 3.86
N ARG A 37 -23.07 11.55 3.25
CA ARG A 37 -24.31 11.24 3.96
C ARG A 37 -24.38 9.78 4.39
N ALA A 38 -24.10 8.86 3.47
CA ALA A 38 -24.05 7.42 3.80
C ALA A 38 -22.99 7.06 4.84
N ILE A 39 -21.85 7.74 4.78
CA ILE A 39 -20.72 7.51 5.70
C ILE A 39 -21.07 7.93 7.11
N GLY A 40 -21.60 9.15 7.22
CA GLY A 40 -22.09 9.66 8.48
C GLY A 40 -23.10 8.72 9.10
N SER A 41 -24.08 8.28 8.33
CA SER A 41 -25.11 7.36 8.81
C SER A 41 -24.52 6.05 9.31
N GLU A 42 -23.62 5.45 8.52
CA GLU A 42 -22.98 4.20 8.94
C GLU A 42 -22.07 4.40 10.17
N SER A 43 -21.38 5.55 10.24
CA SER A 43 -20.60 5.87 11.45
C SER A 43 -21.48 6.01 12.70
N LEU A 44 -22.62 6.66 12.54
CA LEU A 44 -23.53 6.84 13.66
C LEU A 44 -24.14 5.51 14.12
N ALA A 45 -24.44 4.63 13.16
CA ALA A 45 -25.05 3.34 13.45
C ALA A 45 -24.07 2.47 14.25
N ARG A 46 -22.76 2.74 14.07
CA ARG A 46 -21.71 2.11 14.85
C ARG A 46 -21.35 2.89 16.13
N GLY A 47 -22.19 3.88 16.45
CA GLY A 47 -22.05 4.65 17.69
C GLY A 47 -20.90 5.64 17.64
N GLU A 48 -20.53 6.10 16.45
CA GLU A 48 -19.38 7.01 16.31
C GLU A 48 -19.78 8.32 15.62
N PRO A 49 -20.09 9.37 16.40
CA PRO A 49 -20.39 10.67 15.81
C PRO A 49 -19.15 11.47 15.29
N CYS A 50 -17.96 11.18 15.81
CA CYS A 50 -16.78 11.95 15.48
C CYS A 50 -16.02 11.38 14.27
N VAL A 51 -15.90 12.19 13.21
CA VAL A 51 -15.30 11.75 11.96
C VAL A 51 -14.20 12.75 11.55
N ALA A 52 -13.03 12.24 11.17
CA ALA A 52 -11.98 13.08 10.60
C ALA A 52 -12.06 13.08 9.06
N VAL A 53 -11.71 14.21 8.44
CA VAL A 53 -11.80 14.37 6.99
C VAL A 53 -10.55 15.04 6.42
N GLY A 54 -9.86 14.33 5.55
CA GLY A 54 -8.68 14.84 4.87
C GLY A 54 -8.83 14.73 3.37
N ARG A 55 -8.03 15.49 2.63
CA ARG A 55 -8.00 15.46 1.18
CA ARG A 55 -7.99 15.36 1.19
C ARG A 55 -6.56 15.35 0.70
N ASP A 56 -6.36 14.89 -0.54
CA ASP A 56 -5.02 14.94 -1.11
C ASP A 56 -4.84 16.23 -1.95
N GLY A 57 -3.93 16.21 -2.92
CA GLY A 57 -3.58 17.41 -3.70
C GLY A 57 -4.40 17.53 -4.97
N ARG A 58 -5.40 16.67 -5.13
CA ARG A 58 -6.17 16.65 -6.37
C ARG A 58 -6.90 17.98 -6.58
N LEU A 59 -6.99 18.39 -7.85
CA LEU A 59 -7.49 19.72 -8.21
C LEU A 59 -8.93 19.96 -7.79
N SER A 60 -9.72 18.89 -7.69
CA SER A 60 -11.12 19.02 -7.35
C SER A 60 -11.34 19.08 -5.83
N GLY A 61 -10.34 18.58 -5.10
CA GLY A 61 -10.35 18.50 -3.65
C GLY A 61 -11.02 19.60 -2.82
N PRO A 62 -10.45 20.82 -2.83
CA PRO A 62 -10.88 21.95 -1.98
C PRO A 62 -12.38 22.09 -1.98
N GLU A 63 -12.95 22.07 -3.17
CA GLU A 63 -14.37 22.21 -3.31
C GLU A 63 -15.11 20.95 -2.89
N LEU A 64 -14.69 19.81 -3.44
CA LEU A 64 -15.36 18.52 -3.23
C LEU A 64 -15.42 18.03 -1.79
N VAL A 65 -14.45 18.40 -0.95
CA VAL A 65 -14.55 17.99 0.46
C VAL A 65 -15.64 18.75 1.19
N LYS A 66 -15.96 19.98 0.74
CA LYS A 66 -17.11 20.70 1.26
C LYS A 66 -18.36 19.86 1.18
N GLN A 67 -18.63 19.31 0.00
CA GLN A 67 -19.79 18.42 -0.21
C GLN A 67 -19.76 17.16 0.66
N LEU A 68 -18.56 16.61 0.87
CA LEU A 68 -18.37 15.43 1.72
C LEU A 68 -18.64 15.79 3.18
N ILE A 69 -18.01 16.86 3.64
CA ILE A 69 -18.26 17.41 4.98
C ILE A 69 -19.76 17.75 5.22
N GLN A 70 -20.40 18.41 4.25
CA GLN A 70 -21.82 18.70 4.39
C GLN A 70 -22.69 17.45 4.52
N GLY A 71 -22.39 16.43 3.71
CA GLY A 71 -23.01 15.12 3.84
C GLY A 71 -22.88 14.61 5.27
N LEU A 72 -21.67 14.70 5.82
CA LEU A 72 -21.40 14.29 7.21
C LEU A 72 -22.13 15.17 8.24
N VAL A 73 -22.06 16.49 8.09
CA VAL A 73 -22.74 17.42 9.02
C VAL A 73 -24.26 17.24 9.03
N ASP A 74 -24.86 17.06 7.84
CA ASP A 74 -26.31 16.87 7.74
C ASP A 74 -26.75 15.55 8.34
N CYS A 75 -25.78 14.82 8.91
CA CYS A 75 -26.06 13.59 9.63
C CYS A 75 -26.13 13.81 11.14
N GLY A 76 -25.54 14.91 11.63
CA GLY A 76 -25.28 15.07 13.05
C GLY A 76 -23.82 14.85 13.46
N CYS A 77 -22.96 14.51 12.49
CA CYS A 77 -21.57 14.19 12.82
C CYS A 77 -20.78 15.42 13.29
N GLN A 78 -19.79 15.16 14.14
CA GLN A 78 -18.85 16.19 14.54
C GLN A 78 -17.60 15.91 13.76
N VAL A 79 -17.37 16.76 12.76
CA VAL A 79 -16.27 16.59 11.82
C VAL A 79 -15.01 17.29 12.32
N SER A 80 -13.90 16.59 12.23
CA SER A 80 -12.58 17.16 12.40
C SER A 80 -11.96 17.30 11.00
N ASP A 81 -11.89 18.54 10.52
CA ASP A 81 -11.42 18.83 9.17
C ASP A 81 -9.91 19.12 9.24
N VAL A 82 -9.11 18.12 8.85
CA VAL A 82 -7.65 18.21 8.91
C VAL A 82 -7.01 18.74 7.62
N GLY A 83 -7.83 19.22 6.70
CA GLY A 83 -7.34 19.89 5.49
C GLY A 83 -6.61 18.94 4.55
N MET A 84 -5.58 19.46 3.88
CA MET A 84 -4.89 18.72 2.85
C MET A 84 -3.75 17.89 3.44
N VAL A 85 -3.92 16.56 3.48
CA VAL A 85 -2.92 15.73 4.14
C VAL A 85 -2.62 14.45 3.33
N PRO A 86 -1.46 13.83 3.60
CA PRO A 86 -1.23 12.47 3.11
C PRO A 86 -2.29 11.55 3.68
N THR A 87 -2.68 10.55 2.88
CA THR A 87 -3.60 9.51 3.35
C THR A 87 -3.28 8.92 4.76
N PRO A 88 -2.01 8.54 5.03
CA PRO A 88 -1.80 7.96 6.37
C PRO A 88 -1.84 8.98 7.52
N VAL A 89 -1.81 10.28 7.22
CA VAL A 89 -2.03 11.32 8.24
C VAL A 89 -3.52 11.42 8.61
N LEU A 90 -4.39 11.18 7.65
CA LEU A 90 -5.81 11.05 7.94
C LEU A 90 -6.03 9.78 8.78
N TYR A 91 -5.41 8.65 8.40
CA TYR A 91 -5.50 7.44 9.25
C TYR A 91 -4.99 7.73 10.68
N TYR A 92 -3.89 8.46 10.78
CA TYR A 92 -3.33 8.86 12.07
C TYR A 92 -4.37 9.68 12.86
N ALA A 93 -4.95 10.70 12.22
CA ALA A 93 -6.04 11.49 12.80
C ALA A 93 -7.15 10.61 13.39
N ALA A 94 -7.62 9.66 12.59
CA ALA A 94 -8.65 8.70 13.02
C ALA A 94 -8.19 7.71 14.13
N ASN A 95 -6.90 7.71 14.46
CA ASN A 95 -6.40 6.97 15.60
C ASN A 95 -6.15 7.80 16.84
N VAL A 96 -5.99 9.10 16.63
CA VAL A 96 -5.47 9.98 17.67
C VAL A 96 -6.52 11.00 18.18
N LEU A 97 -7.43 11.43 17.31
CA LEU A 97 -8.51 12.30 17.72
C LEU A 97 -9.59 11.56 18.49
N GLU A 98 -10.62 12.28 18.89
CA GLU A 98 -11.68 11.70 19.69
C GLU A 98 -12.32 10.51 18.96
N GLY A 99 -12.61 10.67 17.66
CA GLY A 99 -13.37 9.67 16.89
C GLY A 99 -12.51 8.65 16.16
N LYS A 100 -13.03 7.42 16.03
CA LYS A 100 -12.33 6.35 15.33
C LYS A 100 -12.77 6.20 13.86
N SER A 101 -13.44 7.24 13.37
CA SER A 101 -13.89 7.32 11.99
C SER A 101 -13.11 8.36 11.22
N GLY A 102 -12.88 8.06 9.95
CA GLY A 102 -12.16 8.99 9.12
C GLY A 102 -12.46 8.74 7.67
N VAL A 103 -12.39 9.81 6.88
CA VAL A 103 -12.61 9.79 5.46
C VAL A 103 -11.46 10.53 4.80
N MET A 104 -10.79 9.87 3.84
CA MET A 104 -9.77 10.50 3.01
C MET A 104 -10.28 10.70 1.58
N LEU A 105 -10.29 11.95 1.12
CA LEU A 105 -10.55 12.23 -0.29
C LEU A 105 -9.27 12.07 -1.13
N THR A 106 -9.22 11.02 -1.95
CA THR A 106 -8.03 10.75 -2.77
C THR A 106 -8.38 9.93 -4.01
N GLY A 107 -7.71 10.23 -5.12
CA GLY A 107 -7.79 9.40 -6.33
C GLY A 107 -6.54 8.59 -6.62
N CYS A 108 -5.79 8.23 -5.56
CA CYS A 108 -4.59 7.39 -5.67
C CYS A 108 -3.43 8.09 -6.41
N ASN A 115 -11.30 13.33 -6.86
CA ASN A 115 -10.60 12.38 -6.02
C ASN A 115 -11.29 10.98 -5.93
N GLY A 116 -11.62 10.53 -4.71
CA GLY A 116 -12.18 9.20 -4.43
C GLY A 116 -12.22 9.09 -2.91
N PHE A 117 -12.48 7.91 -2.36
CA PHE A 117 -12.60 7.81 -0.90
C PHE A 117 -11.92 6.61 -0.30
N LYS A 118 -11.10 6.83 0.71
CA LYS A 118 -10.68 5.76 1.59
C LYS A 118 -11.40 6.03 2.92
N ILE A 119 -12.10 5.02 3.44
CA ILE A 119 -13.04 5.22 4.55
C ILE A 119 -12.75 4.30 5.72
N VAL A 120 -12.67 4.89 6.91
CA VAL A 120 -12.55 4.16 8.16
C VAL A 120 -13.79 4.49 9.00
N VAL A 121 -14.54 3.49 9.41
CA VAL A 121 -15.66 3.71 10.31
C VAL A 121 -15.45 2.92 11.59
N ALA A 122 -15.59 3.61 12.73
CA ALA A 122 -15.48 2.97 14.03
C ALA A 122 -14.25 2.03 14.08
N GLY A 123 -13.13 2.52 13.55
CA GLY A 123 -11.88 1.79 13.61
C GLY A 123 -11.65 0.84 12.45
N GLU A 124 -12.71 0.54 11.69
CA GLU A 124 -12.58 -0.43 10.60
C GLU A 124 -12.48 0.17 9.20
N THR A 125 -11.45 -0.22 8.45
CA THR A 125 -11.26 0.25 7.09
C THR A 125 -12.22 -0.52 6.21
N LEU A 126 -13.15 0.18 5.58
CA LEU A 126 -14.23 -0.50 4.86
C LEU A 126 -13.75 -1.20 3.59
N ALA A 127 -14.49 -2.25 3.19
CA ALA A 127 -14.20 -3.00 1.98
C ALA A 127 -15.47 -3.66 1.42
N ASN A 128 -15.30 -4.36 0.29
CA ASN A 128 -16.32 -5.26 -0.30
C ASN A 128 -17.78 -4.87 -0.06
N GLU A 129 -18.52 -5.79 0.56
CA GLU A 129 -19.94 -5.61 0.91
C GLU A 129 -20.20 -4.51 1.99
N GLN A 130 -19.18 -3.71 2.27
CA GLN A 130 -19.31 -2.59 3.22
C GLN A 130 -19.52 -1.29 2.47
N ILE A 131 -18.70 -1.03 1.45
CA ILE A 131 -18.94 0.08 0.52
C ILE A 131 -20.28 -0.08 -0.25
N GLN A 132 -20.64 -1.33 -0.59
CA GLN A 132 -21.95 -1.60 -1.18
C GLN A 132 -23.07 -1.33 -0.18
N ALA A 133 -22.82 -1.61 1.10
CA ALA A 133 -23.79 -1.28 2.15
C ALA A 133 -24.01 0.23 2.24
N LEU A 134 -23.02 1.01 1.82
CA LEU A 134 -23.13 2.47 1.74
C LEU A 134 -23.96 2.92 0.53
N ARG A 135 -23.56 2.44 -0.64
CA ARG A 135 -24.26 2.73 -1.89
C ARG A 135 -25.73 2.37 -1.78
N GLU A 136 -26.01 1.23 -1.18
CA GLU A 136 -27.38 0.74 -1.00
C GLU A 136 -28.16 1.61 -0.01
N ARG A 137 -27.44 2.42 0.77
CA ARG A 137 -28.08 3.46 1.60
C ARG A 137 -28.46 4.64 0.73
N ILE A 138 -27.58 5.00 -0.21
CA ILE A 138 -27.88 6.03 -1.21
C ILE A 138 -29.18 5.70 -1.97
N GLU A 139 -29.19 4.58 -2.70
CA GLU A 139 -30.36 4.17 -3.48
C GLU A 139 -31.61 3.99 -2.61
N LYS A 140 -31.50 3.16 -1.57
CA LYS A 140 -32.63 2.84 -0.71
C LYS A 140 -33.05 3.95 0.25
N ASN A 141 -32.38 5.11 0.18
CA ASN A 141 -32.64 6.26 1.05
C ASN A 141 -32.63 5.92 2.56
N ASP A 142 -31.65 5.13 2.99
CA ASP A 142 -31.49 4.75 4.39
C ASP A 142 -30.37 5.57 5.06
N LEU A 143 -30.72 6.78 5.47
CA LEU A 143 -29.77 7.81 5.88
C LEU A 143 -30.23 8.57 7.12
N ALA A 144 -29.27 8.92 7.97
CA ALA A 144 -29.54 9.70 9.18
C ALA A 144 -29.65 11.18 8.83
N SER A 145 -30.24 11.95 9.74
CA SER A 145 -30.40 13.39 9.55
C SER A 145 -30.20 14.07 10.89
N GLY A 146 -29.46 15.18 10.91
CA GLY A 146 -29.15 15.86 12.15
C GLY A 146 -28.35 17.11 11.88
N VAL A 147 -28.06 17.86 12.94
CA VAL A 147 -27.32 19.12 12.83
C VAL A 147 -25.92 18.90 13.36
N GLY A 148 -24.99 18.64 12.46
CA GLY A 148 -23.62 18.39 12.87
C GLY A 148 -22.76 19.62 13.06
N SER A 149 -21.46 19.34 13.11
CA SER A 149 -20.45 20.25 13.57
C SER A 149 -19.20 20.11 12.70
N VAL A 150 -18.55 21.23 12.40
CA VAL A 150 -17.22 21.21 11.74
C VAL A 150 -16.16 21.86 12.61
N GLU A 151 -15.05 21.18 12.81
CA GLU A 151 -13.92 21.73 13.55
C GLU A 151 -12.59 21.55 12.78
N GLN A 152 -11.84 22.64 12.64
CA GLN A 152 -10.53 22.61 12.01
C GLN A 152 -9.47 22.06 12.92
N VAL A 153 -8.65 21.15 12.40
CA VAL A 153 -7.60 20.56 13.19
C VAL A 153 -6.29 20.54 12.38
N ASP A 154 -5.24 21.03 13.03
CA ASP A 154 -3.90 21.03 12.49
C ASP A 154 -3.11 19.80 12.98
N ILE A 155 -3.24 18.69 12.26
CA ILE A 155 -2.70 17.42 12.72
C ILE A 155 -1.24 17.17 12.29
N LEU A 156 -0.81 17.81 11.21
CA LEU A 156 0.54 17.58 10.66
C LEU A 156 1.67 17.75 11.69
N PRO A 157 1.65 18.83 12.51
CA PRO A 157 2.75 18.95 13.49
C PRO A 157 2.77 17.82 14.51
N ARG A 158 1.60 17.32 14.87
CA ARG A 158 1.51 16.20 15.79
C ARG A 158 1.99 14.90 15.12
N TYR A 159 1.57 14.68 13.89
CA TYR A 159 2.10 13.55 13.13
C TYR A 159 3.61 13.65 13.00
N PHE A 160 4.09 14.80 12.53
CA PHE A 160 5.52 15.04 12.35
C PHE A 160 6.29 14.74 13.65
N LYS A 161 5.84 15.32 14.78
CA LYS A 161 6.51 15.14 16.09
C LYS A 161 6.50 13.68 16.58
N GLN A 162 5.35 13.01 16.41
CA GLN A 162 5.16 11.62 16.81
C GLN A 162 6.26 10.74 16.22
N ILE A 163 6.54 10.94 14.93
CA ILE A 163 7.56 10.18 14.23
C ILE A 163 8.98 10.61 14.64
N ARG A 164 9.27 11.92 14.60
CA ARG A 164 10.59 12.43 15.00
C ARG A 164 10.97 11.88 16.40
N ASP A 165 10.02 11.87 17.32
CA ASP A 165 10.30 11.39 18.69
C ASP A 165 10.66 9.91 18.82
N ASP A 166 10.12 9.08 17.93
CA ASP A 166 10.37 7.63 18.00
C ASP A 166 11.54 7.13 17.16
N ILE A 167 11.85 7.81 16.06
CA ILE A 167 12.94 7.37 15.18
C ILE A 167 14.34 7.70 15.74
N ALA A 168 15.26 6.72 15.69
CA ALA A 168 16.61 6.90 16.24
C ALA A 168 17.73 6.76 15.20
N MET A 169 17.94 7.80 14.39
CA MET A 169 18.96 7.77 13.33
C MET A 169 20.38 7.90 13.88
N ALA A 170 21.30 7.12 13.34
CA ALA A 170 22.68 7.11 13.81
C ALA A 170 23.65 7.90 12.93
N LYS A 171 24.09 7.36 11.79
CA LYS A 171 24.93 8.14 10.88
C LYS A 171 24.07 9.15 10.12
N PRO A 172 24.69 10.19 9.53
CA PRO A 172 23.87 11.07 8.69
C PRO A 172 23.79 10.49 7.27
N MET A 173 22.71 10.82 6.55
CA MET A 173 22.47 10.24 5.23
C MET A 173 22.01 11.26 4.22
N LYS A 174 22.53 11.17 3.01
CA LYS A 174 22.02 11.98 1.92
C LYS A 174 20.94 11.20 1.16
N VAL A 175 19.74 11.78 1.06
CA VAL A 175 18.59 11.08 0.48
C VAL A 175 17.93 11.92 -0.61
N VAL A 176 17.72 11.34 -1.79
CA VAL A 176 16.87 12.01 -2.79
C VAL A 176 15.42 11.59 -2.52
N VAL A 177 14.51 12.56 -2.47
CA VAL A 177 13.10 12.31 -2.22
C VAL A 177 12.23 12.81 -3.38
N ASP A 178 11.51 11.88 -4.01
CA ASP A 178 10.65 12.15 -5.16
C ASP A 178 9.18 12.01 -4.77
N CYS A 179 8.46 13.12 -4.77
CA CYS A 179 7.07 13.13 -4.33
C CYS A 179 6.07 13.09 -5.49
N GLY A 180 6.60 13.14 -6.71
CA GLY A 180 5.81 13.06 -7.93
C GLY A 180 4.71 14.10 -7.98
N ASN A 181 4.94 15.22 -7.27
CA ASN A 181 4.00 16.35 -7.19
C ASN A 181 2.72 16.03 -6.41
N GLY A 182 2.76 14.92 -5.69
CA GLY A 182 1.64 14.55 -4.87
C GLY A 182 1.75 15.24 -3.53
N VAL A 183 0.80 14.91 -2.66
CA VAL A 183 0.67 15.51 -1.36
C VAL A 183 1.78 15.14 -0.32
N ALA A 184 2.62 14.15 -0.61
CA ALA A 184 3.71 13.75 0.32
C ALA A 184 4.70 14.90 0.56
N GLY A 185 4.84 15.80 -0.41
CA GLY A 185 5.74 16.94 -0.30
C GLY A 185 5.30 17.93 0.76
N VAL A 186 4.16 17.70 1.41
CA VAL A 186 3.77 18.57 2.53
C VAL A 186 4.52 18.23 3.81
N ILE A 187 5.14 17.04 3.87
CA ILE A 187 5.74 16.60 5.13
C ILE A 187 6.95 15.68 5.01
N ALA A 188 7.06 14.96 3.89
CA ALA A 188 8.10 13.96 3.73
C ALA A 188 9.53 14.54 3.69
N PRO A 189 9.86 15.46 2.74
CA PRO A 189 11.21 16.01 2.70
C PRO A 189 11.56 16.68 4.02
N GLN A 190 10.60 17.40 4.60
CA GLN A 190 10.77 18.06 5.90
C GLN A 190 11.06 17.09 7.03
N LEU A 191 10.20 16.07 7.17
CA LEU A 191 10.40 15.09 8.21
C LEU A 191 11.73 14.35 8.03
N ILE A 192 12.07 14.00 6.79
CA ILE A 192 13.33 13.29 6.55
C ILE A 192 14.53 14.16 6.92
N GLU A 193 14.50 15.45 6.57
CA GLU A 193 15.55 16.39 6.97
C GLU A 193 15.64 16.44 8.49
N ALA A 194 14.50 16.47 9.15
CA ALA A 194 14.43 16.54 10.61
C ALA A 194 14.96 15.30 11.29
N LEU A 195 14.83 14.15 10.62
CA LEU A 195 15.32 12.88 11.17
C LEU A 195 16.83 12.86 11.30
N GLY A 196 17.50 13.73 10.54
CA GLY A 196 18.95 13.88 10.53
C GLY A 196 19.45 13.46 9.16
N CYS A 197 18.94 14.12 8.13
CA CYS A 197 19.26 13.77 6.73
C CYS A 197 19.41 15.02 5.86
N SER A 198 20.29 14.98 4.89
CA SER A 198 20.28 16.01 3.85
C SER A 198 19.47 15.51 2.66
N VAL A 199 18.44 16.27 2.31
CA VAL A 199 17.46 15.88 1.31
C VAL A 199 17.69 16.61 -0.02
N ILE A 200 17.74 15.86 -1.11
CA ILE A 200 17.64 16.42 -2.45
C ILE A 200 16.16 16.26 -2.89
N PRO A 201 15.38 17.37 -2.86
CA PRO A 201 13.96 17.20 -3.23
C PRO A 201 13.79 17.02 -4.75
N LEU A 202 12.81 16.22 -5.13
CA LEU A 202 12.41 16.07 -6.52
C LEU A 202 10.87 16.11 -6.60
N TYR A 203 10.37 17.09 -7.37
CA TYR A 203 8.94 17.27 -7.59
C TYR A 203 8.16 17.26 -6.28
N CYS A 204 8.67 18.01 -5.29
CA CYS A 204 8.09 18.03 -3.96
C CYS A 204 7.06 19.15 -3.79
N GLU A 205 6.83 19.89 -4.86
CA GLU A 205 5.73 20.86 -4.88
C GLU A 205 4.41 20.13 -5.20
N VAL A 206 3.45 20.24 -4.27
CA VAL A 206 2.11 19.69 -4.44
C VAL A 206 1.45 20.28 -5.68
N ASP A 207 1.25 19.45 -6.70
CA ASP A 207 0.67 19.90 -7.95
C ASP A 207 -0.25 18.85 -8.58
N GLY A 208 -1.55 19.03 -8.36
CA GLY A 208 -2.59 18.13 -8.86
C GLY A 208 -2.54 17.91 -10.36
N ASN A 209 -1.94 18.85 -11.07
CA ASN A 209 -1.74 18.71 -12.50
C ASN A 209 -0.73 17.63 -12.88
N PHE A 210 0.02 17.14 -11.87
CA PHE A 210 1.18 16.26 -12.04
C PHE A 210 1.93 16.58 -13.33
N PRO A 211 2.65 17.72 -13.35
CA PRO A 211 3.32 18.17 -14.57
C PRO A 211 4.49 17.26 -15.00
N ASN A 212 5.09 16.57 -14.04
CA ASN A 212 6.12 15.56 -14.36
C ASN A 212 5.48 14.16 -14.34
N HIS A 213 6.30 13.11 -14.22
CA HIS A 213 5.79 11.74 -14.03
C HIS A 213 4.69 11.68 -12.95
N HIS A 214 3.64 10.91 -13.21
CA HIS A 214 2.57 10.69 -12.23
C HIS A 214 3.14 9.93 -11.02
N PRO A 215 2.65 10.27 -9.79
CA PRO A 215 3.26 9.70 -8.58
C PRO A 215 2.82 8.25 -8.30
N ASP A 216 3.55 7.31 -8.90
CA ASP A 216 3.27 5.87 -8.85
C ASP A 216 4.61 5.13 -8.92
N PRO A 217 5.28 4.96 -7.76
CA PRO A 217 6.58 4.35 -7.62
C PRO A 217 6.60 2.84 -7.89
N GLY A 218 5.46 2.30 -8.33
CA GLY A 218 5.32 0.89 -8.65
C GLY A 218 5.90 0.62 -10.03
N LYS A 219 5.75 1.60 -10.92
CA LYS A 219 6.29 1.48 -12.27
C LYS A 219 7.70 2.02 -12.39
N PRO A 220 8.64 1.17 -12.82
CA PRO A 220 10.03 1.57 -12.99
C PRO A 220 10.22 2.89 -13.76
N GLU A 221 9.39 3.12 -14.78
CA GLU A 221 9.42 4.34 -15.58
C GLU A 221 9.33 5.61 -14.73
N ASN A 222 8.54 5.53 -13.65
CA ASN A 222 8.35 6.63 -12.71
C ASN A 222 9.51 6.80 -11.75
N LEU A 223 10.49 5.90 -11.83
CA LEU A 223 11.63 5.94 -10.93
C LEU A 223 12.91 6.43 -11.60
N LYS A 224 12.85 6.70 -12.91
CA LYS A 224 14.08 6.95 -13.67
C LYS A 224 14.74 8.28 -13.30
N ASP A 225 13.93 9.32 -13.10
CA ASP A 225 14.41 10.62 -12.61
C ASP A 225 15.14 10.50 -11.28
N LEU A 226 14.59 9.68 -10.39
CA LEU A 226 15.12 9.48 -9.04
C LEU A 226 16.46 8.73 -9.06
N ILE A 227 16.51 7.65 -9.85
CA ILE A 227 17.74 6.86 -10.04
C ILE A 227 18.88 7.70 -10.60
N ALA A 228 18.58 8.55 -11.59
CA ALA A 228 19.60 9.39 -12.22
C ALA A 228 20.07 10.40 -11.19
N LYS A 229 19.12 10.99 -10.46
CA LYS A 229 19.45 11.98 -9.43
C LYS A 229 20.28 11.40 -8.27
N VAL A 230 19.91 10.20 -7.78
CA VAL A 230 20.71 9.52 -6.75
C VAL A 230 22.18 9.33 -7.20
N LYS A 231 22.37 8.78 -8.39
CA LYS A 231 23.71 8.58 -8.97
C LYS A 231 24.46 9.88 -9.18
N ALA A 232 23.81 10.89 -9.77
CA ALA A 232 24.48 12.15 -10.11
C ALA A 232 24.94 12.91 -8.86
N GLU A 233 24.15 12.83 -7.79
CA GLU A 233 24.43 13.52 -6.55
CA GLU A 233 24.45 13.52 -6.55
C GLU A 233 25.12 12.61 -5.50
N ASN A 234 25.47 11.37 -5.89
CA ASN A 234 26.12 10.40 -4.99
CA ASN A 234 26.12 10.40 -4.98
C ASN A 234 25.42 10.24 -3.63
N ALA A 235 24.08 10.15 -3.66
CA ALA A 235 23.30 9.98 -2.45
C ALA A 235 23.35 8.54 -1.91
N ASP A 236 22.94 8.39 -0.65
CA ASP A 236 22.92 7.08 0.03
C ASP A 236 21.70 6.22 -0.25
N LEU A 237 20.63 6.88 -0.68
CA LEU A 237 19.35 6.24 -0.89
C LEU A 237 18.47 7.17 -1.73
N GLY A 238 17.54 6.60 -2.46
CA GLY A 238 16.48 7.35 -3.11
C GLY A 238 15.15 6.80 -2.62
N LEU A 239 14.21 7.72 -2.38
CA LEU A 239 12.84 7.38 -2.01
C LEU A 239 11.80 8.07 -2.91
N ALA A 240 10.72 7.36 -3.21
CA ALA A 240 9.65 7.85 -4.06
C ALA A 240 8.32 7.57 -3.41
N PHE A 241 7.44 8.56 -3.37
CA PHE A 241 6.11 8.37 -2.79
C PHE A 241 5.03 8.41 -3.85
N ASP A 242 3.95 7.70 -3.63
CA ASP A 242 2.81 7.84 -4.51
C ASP A 242 2.04 9.14 -4.23
N GLY A 243 0.98 9.38 -5.00
CA GLY A 243 0.16 10.58 -4.83
C GLY A 243 -0.19 11.00 -3.40
N ASP A 244 -0.71 10.06 -2.62
CA ASP A 244 -1.31 10.35 -1.30
C ASP A 244 -0.45 9.85 -0.14
N GLY A 245 0.67 9.22 -0.45
CA GLY A 245 1.67 8.89 0.55
C GLY A 245 1.53 7.58 1.32
N ASP A 246 0.60 6.71 0.93
CA ASP A 246 0.44 5.41 1.57
C ASP A 246 1.32 4.32 0.94
N ARG A 247 2.04 4.70 -0.13
CA ARG A 247 3.04 3.82 -0.78
CA ARG A 247 3.03 3.82 -0.79
C ARG A 247 4.41 4.48 -0.86
N VAL A 248 5.46 3.65 -0.80
CA VAL A 248 6.84 4.11 -0.90
C VAL A 248 7.61 3.21 -1.88
N GLY A 249 8.48 3.80 -2.69
CA GLY A 249 9.44 3.02 -3.49
C GLY A 249 10.86 3.38 -3.08
N VAL A 250 11.79 2.45 -3.25
CA VAL A 250 13.14 2.57 -2.70
C VAL A 250 14.18 2.24 -3.74
N VAL A 251 15.18 3.12 -3.92
CA VAL A 251 16.35 2.75 -4.71
C VAL A 251 17.67 2.91 -3.93
N THR A 252 18.63 2.04 -4.20
CA THR A 252 19.91 2.08 -3.48
C THR A 252 20.83 3.20 -3.99
N ASN A 253 21.96 3.40 -3.31
CA ASN A 253 22.98 4.37 -3.76
C ASN A 253 23.56 4.05 -5.13
N THR A 254 23.32 2.86 -5.65
CA THR A 254 23.80 2.51 -7.00
C THR A 254 22.62 2.46 -7.97
N GLY A 255 21.42 2.86 -7.52
CA GLY A 255 20.23 2.89 -8.36
C GLY A 255 19.39 1.62 -8.49
N THR A 256 19.70 0.60 -7.70
CA THR A 256 18.90 -0.63 -7.71
C THR A 256 17.55 -0.42 -7.05
N ILE A 257 16.48 -0.84 -7.74
CA ILE A 257 15.13 -0.71 -7.24
C ILE A 257 14.95 -1.86 -6.25
N ILE A 258 14.49 -1.52 -5.04
CA ILE A 258 14.26 -2.52 -4.00
C ILE A 258 12.74 -2.72 -3.92
N TYR A 259 12.26 -3.89 -4.33
CA TYR A 259 10.83 -4.18 -4.26
C TYR A 259 10.33 -4.37 -2.84
N PRO A 260 9.02 -4.16 -2.62
CA PRO A 260 8.48 -4.22 -1.26
C PRO A 260 8.74 -5.53 -0.53
N ASP A 261 8.79 -6.66 -1.23
CA ASP A 261 9.08 -7.93 -0.58
C ASP A 261 10.50 -8.04 0.03
N ARG A 262 11.48 -7.44 -0.64
CA ARG A 262 12.87 -7.42 -0.18
C ARG A 262 13.02 -6.37 0.97
N LEU A 263 12.31 -5.26 0.84
CA LEU A 263 12.18 -4.30 1.92
C LEU A 263 11.63 -4.93 3.20
N LEU A 264 10.55 -5.72 3.07
CA LEU A 264 10.00 -6.48 4.21
C LEU A 264 11.02 -7.40 4.85
N MET A 265 11.92 -7.94 4.06
CA MET A 265 12.95 -8.78 4.65
C MET A 265 13.74 -8.00 5.69
N LEU A 266 14.09 -6.78 5.34
CA LEU A 266 14.87 -5.95 6.26
C LEU A 266 14.01 -5.56 7.46
N PHE A 267 12.77 -5.14 7.19
CA PHE A 267 11.89 -4.72 8.29
C PHE A 267 11.57 -5.87 9.24
N ALA A 268 11.23 -7.03 8.68
CA ALA A 268 10.90 -8.23 9.49
C ALA A 268 12.09 -8.67 10.35
N LYS A 269 13.30 -8.61 9.80
CA LYS A 269 14.49 -8.89 10.61
C LYS A 269 14.53 -8.00 11.84
N ASP A 270 14.33 -6.70 11.64
CA ASP A 270 14.36 -5.72 12.74
C ASP A 270 13.22 -5.94 13.75
N VAL A 271 11.99 -6.03 13.25
CA VAL A 271 10.82 -6.19 14.09
C VAL A 271 10.85 -7.48 14.93
N VAL A 272 11.12 -8.63 14.29
CA VAL A 272 11.17 -9.90 15.00
C VAL A 272 12.31 -9.91 16.07
N SER A 273 13.35 -9.10 15.83
CA SER A 273 14.51 -9.08 16.71
C SER A 273 14.11 -8.56 18.08
N ARG A 274 13.15 -7.65 18.17
CA ARG A 274 12.61 -7.24 19.46
C ARG A 274 11.32 -7.95 19.85
N ASN A 275 10.82 -8.85 18.99
CA ASN A 275 9.52 -9.44 19.27
C ASN A 275 9.47 -10.89 18.83
N PRO A 276 10.01 -11.80 19.66
CA PRO A 276 10.03 -13.21 19.32
C PRO A 276 8.62 -13.71 18.98
N GLY A 277 8.52 -14.49 17.91
CA GLY A 277 7.27 -15.10 17.54
C GLY A 277 6.28 -14.18 16.86
N ALA A 278 6.67 -12.93 16.58
CA ALA A 278 5.70 -11.96 16.00
C ALA A 278 5.20 -12.40 14.63
N ASP A 279 3.89 -12.26 14.40
CA ASP A 279 3.33 -12.52 13.09
C ASP A 279 3.69 -11.42 12.12
N ILE A 280 4.03 -11.83 10.90
CA ILE A 280 4.39 -10.89 9.85
C ILE A 280 3.58 -11.28 8.63
N ILE A 281 2.78 -10.35 8.10
CA ILE A 281 1.94 -10.63 6.95
C ILE A 281 2.53 -10.11 5.63
N PHE A 282 2.40 -10.89 4.57
CA PHE A 282 2.82 -10.46 3.24
C PHE A 282 1.82 -11.08 2.26
N ASP A 283 1.82 -10.65 1.00
CA ASP A 283 0.80 -11.14 0.08
C ASP A 283 1.34 -12.21 -0.83
N VAL A 284 0.45 -12.81 -1.62
CA VAL A 284 0.81 -13.93 -2.49
C VAL A 284 1.79 -13.61 -3.65
N LYS A 285 2.13 -12.34 -3.82
CA LYS A 285 3.07 -11.97 -4.88
C LYS A 285 4.49 -11.89 -4.33
N CYS A 286 4.63 -11.98 -3.02
CA CYS A 286 5.94 -11.82 -2.39
C CYS A 286 6.80 -13.06 -2.53
N THR A 287 8.11 -12.83 -2.65
CA THR A 287 9.07 -13.93 -2.78
C THR A 287 8.92 -14.96 -1.65
N ARG A 288 9.07 -16.23 -2.00
CA ARG A 288 9.05 -17.30 -1.02
C ARG A 288 10.18 -17.15 -0.01
N ARG A 289 11.26 -16.48 -0.42
CA ARG A 289 12.39 -16.18 0.44
C ARG A 289 11.99 -15.52 1.75
N LEU A 290 10.93 -14.74 1.70
CA LEU A 290 10.45 -14.00 2.85
C LEU A 290 9.83 -14.93 3.89
N ILE A 291 9.15 -16.00 3.43
CA ILE A 291 8.66 -17.05 4.34
C ILE A 291 9.77 -17.68 5.17
N ALA A 292 10.79 -18.24 4.51
CA ALA A 292 11.98 -18.83 5.20
C ALA A 292 12.69 -17.84 6.14
N LEU A 293 12.89 -16.63 5.64
CA LEU A 293 13.61 -15.57 6.35
C LEU A 293 12.90 -15.23 7.67
N ILE A 294 11.60 -15.02 7.59
CA ILE A 294 10.79 -14.69 8.77
C ILE A 294 10.84 -15.83 9.79
N SER A 295 10.65 -17.07 9.32
CA SER A 295 10.72 -18.24 10.20
C SER A 295 12.09 -18.36 10.84
N GLY A 296 13.14 -18.22 10.03
CA GLY A 296 14.51 -18.34 10.49
C GLY A 296 14.85 -17.41 11.65
N TYR A 297 14.28 -16.20 11.64
CA TYR A 297 14.47 -15.27 12.76
C TYR A 297 13.51 -15.50 13.92
N GLY A 298 12.65 -16.50 13.82
CA GLY A 298 11.77 -16.83 14.94
C GLY A 298 10.40 -16.22 14.84
N GLY A 299 10.09 -15.62 13.68
CA GLY A 299 8.77 -15.02 13.46
C GLY A 299 7.77 -16.00 12.89
N ARG A 300 6.51 -15.59 12.80
CA ARG A 300 5.45 -16.40 12.22
C ARG A 300 5.03 -15.76 10.89
N PRO A 301 5.45 -16.34 9.75
CA PRO A 301 5.06 -15.72 8.46
C PRO A 301 3.59 -16.03 8.17
N VAL A 302 2.87 -15.07 7.61
CA VAL A 302 1.46 -15.26 7.27
C VAL A 302 1.21 -14.69 5.89
N MET A 303 1.04 -15.58 4.93
CA MET A 303 0.73 -15.14 3.59
C MET A 303 -0.75 -14.86 3.52
N TRP A 304 -1.12 -13.71 2.97
CA TRP A 304 -2.51 -13.37 2.86
C TRP A 304 -2.85 -12.78 1.46
N LYS A 305 -4.10 -12.36 1.28
CA LYS A 305 -4.59 -11.77 0.04
C LYS A 305 -4.06 -10.35 -0.22
N THR A 306 -4.08 -9.94 -1.48
CA THR A 306 -3.75 -8.55 -1.88
C THR A 306 -4.85 -7.57 -1.47
N GLY A 307 -4.47 -6.34 -1.14
CA GLY A 307 -5.41 -5.23 -0.93
C GLY A 307 -5.30 -4.63 0.45
N HIS A 308 -5.16 -3.30 0.54
CA HIS A 308 -4.82 -2.66 1.81
C HIS A 308 -5.86 -2.97 2.89
N SER A 309 -7.12 -2.91 2.49
CA SER A 309 -8.21 -3.20 3.39
C SER A 309 -8.12 -4.63 3.96
N LEU A 310 -7.73 -5.58 3.12
CA LEU A 310 -7.73 -6.97 3.51
C LEU A 310 -6.53 -7.26 4.45
N ILE A 311 -5.38 -6.69 4.10
CA ILE A 311 -4.19 -6.75 4.95
C ILE A 311 -4.44 -6.17 6.36
N LYS A 312 -5.02 -4.96 6.43
CA LYS A 312 -5.25 -4.28 7.72
C LYS A 312 -6.16 -5.09 8.60
N LYS A 313 -7.20 -5.65 8.00
CA LYS A 313 -8.12 -6.55 8.65
C LYS A 313 -7.43 -7.82 9.20
N LYS A 314 -6.59 -8.47 8.38
CA LYS A 314 -5.86 -9.63 8.84
C LYS A 314 -4.88 -9.25 9.96
N MET A 315 -4.29 -8.08 9.87
CA MET A 315 -3.37 -7.63 10.91
C MET A 315 -4.05 -7.53 12.26
N LYS A 316 -5.26 -6.95 12.28
CA LYS A 316 -6.04 -6.88 13.50
C LYS A 316 -6.45 -8.29 13.93
N GLU A 317 -6.85 -9.15 12.99
CA GLU A 317 -7.24 -10.49 13.38
C GLU A 317 -6.10 -11.32 13.99
N THR A 318 -4.87 -11.09 13.52
CA THR A 318 -3.74 -11.91 13.91
C THR A 318 -2.86 -11.24 14.95
N GLY A 319 -3.06 -9.94 15.19
CA GLY A 319 -2.14 -9.19 16.04
C GLY A 319 -0.76 -9.03 15.45
N ALA A 320 -0.66 -9.08 14.11
CA ALA A 320 0.65 -9.01 13.45
C ALA A 320 1.34 -7.67 13.73
N LEU A 321 2.66 -7.72 13.83
CA LEU A 321 3.43 -6.51 14.12
C LEU A 321 3.82 -5.75 12.86
N LEU A 322 3.73 -6.42 11.71
CA LEU A 322 4.17 -5.81 10.48
C LEU A 322 3.51 -6.52 9.31
N ALA A 323 3.19 -5.77 8.27
CA ALA A 323 2.69 -6.35 7.04
C ALA A 323 3.20 -5.59 5.85
N GLY A 324 3.17 -6.22 4.68
CA GLY A 324 3.52 -5.52 3.47
C GLY A 324 2.96 -6.16 2.24
N GLU A 325 2.84 -5.37 1.20
CA GLU A 325 2.21 -5.77 -0.05
CA GLU A 325 2.28 -5.86 -0.02
C GLU A 325 3.14 -5.41 -1.18
N MET A 326 3.16 -6.25 -2.23
CA MET A 326 3.99 -5.98 -3.39
C MET A 326 3.72 -4.67 -4.08
N SER A 327 2.52 -4.11 -3.94
CA SER A 327 2.28 -2.81 -4.54
C SER A 327 2.94 -1.64 -3.80
N GLY A 328 3.57 -1.89 -2.64
CA GLY A 328 4.30 -0.80 -1.93
C GLY A 328 3.68 -0.25 -0.63
N HIS A 329 2.60 -0.87 -0.16
CA HIS A 329 1.98 -0.50 1.10
C HIS A 329 2.68 -1.27 2.20
N VAL A 330 3.23 -0.55 3.18
CA VAL A 330 3.88 -1.16 4.33
C VAL A 330 3.17 -0.76 5.63
N PHE A 331 2.90 -1.75 6.48
CA PHE A 331 2.02 -1.59 7.64
C PHE A 331 2.79 -1.91 8.93
N PHE A 332 3.15 -0.90 9.71
CA PHE A 332 3.81 -1.11 10.98
C PHE A 332 2.77 -1.02 12.05
N LYS A 333 2.62 -2.09 12.83
CA LYS A 333 1.90 -2.01 14.07
C LYS A 333 2.92 -1.76 15.20
N GLU A 334 4.06 -2.45 15.17
CA GLU A 334 5.08 -2.27 16.19
C GLU A 334 5.53 -0.82 16.25
N ARG A 335 5.38 -0.20 17.43
CA ARG A 335 5.73 1.22 17.67
C ARG A 335 4.83 2.20 16.91
N TRP A 336 3.76 1.71 16.30
CA TRP A 336 2.92 2.53 15.42
C TRP A 336 1.46 2.09 15.59
N PHE A 337 0.62 2.35 14.58
CA PHE A 337 -0.84 2.17 14.69
C PHE A 337 -1.39 1.07 13.81
N GLY A 338 -0.58 0.56 12.89
CA GLY A 338 -1.01 -0.58 12.07
C GLY A 338 -1.57 -0.26 10.70
N PHE A 339 -1.65 1.01 10.31
CA PHE A 339 -2.09 1.34 8.96
C PHE A 339 -0.86 1.50 8.03
N ASP A 340 -1.12 1.45 6.72
CA ASP A 340 -0.08 1.58 5.71
C ASP A 340 0.31 3.04 5.65
N ASP A 341 1.62 3.28 5.69
CA ASP A 341 2.15 4.61 5.77
C ASP A 341 3.51 4.64 5.08
N GLY A 342 3.55 5.23 3.87
CA GLY A 342 4.79 5.28 3.10
C GLY A 342 5.86 6.18 3.75
N ILE A 343 5.39 7.25 4.40
CA ILE A 343 6.25 8.25 5.06
C ILE A 343 6.88 7.66 6.32
N TYR A 344 6.07 7.07 7.20
CA TYR A 344 6.59 6.35 8.37
C TYR A 344 7.54 5.21 7.97
N SER A 345 7.14 4.42 6.97
CA SER A 345 8.00 3.36 6.46
C SER A 345 9.38 3.89 5.97
N ALA A 346 9.40 5.00 5.22
CA ALA A 346 10.67 5.67 4.87
C ALA A 346 11.49 5.93 6.13
N ALA A 347 10.86 6.50 7.15
CA ALA A 347 11.52 6.79 8.43
C ALA A 347 12.12 5.53 9.03
N ARG A 348 11.35 4.43 9.03
CA ARG A 348 11.78 3.20 9.64
C ARG A 348 12.95 2.63 8.85
N LEU A 349 12.90 2.81 7.53
CA LEU A 349 14.00 2.36 6.67
C LEU A 349 15.28 3.16 6.99
N LEU A 350 15.13 4.49 7.01
CA LEU A 350 16.25 5.35 7.30
C LEU A 350 16.86 5.00 8.65
N GLU A 351 16.01 4.70 9.62
CA GLU A 351 16.51 4.32 10.95
C GLU A 351 17.46 3.12 10.89
N ILE A 352 17.03 2.05 10.23
CA ILE A 352 17.84 0.83 10.11
C ILE A 352 19.13 1.04 9.30
N LEU A 353 19.01 1.70 8.15
CA LEU A 353 20.20 1.88 7.30
C LEU A 353 21.23 2.77 7.99
N SER A 354 20.75 3.78 8.73
CA SER A 354 21.68 4.68 9.46
C SER A 354 22.52 3.91 10.48
N GLN A 355 22.08 2.73 10.90
CA GLN A 355 22.81 1.94 11.90
C GLN A 355 23.74 0.92 11.29
N ASP A 356 23.82 0.90 9.97
CA ASP A 356 24.74 0.01 9.30
C ASP A 356 25.85 0.79 8.61
N GLN A 357 27.10 0.33 8.72
CA GLN A 357 28.23 1.00 8.06
C GLN A 357 28.21 0.82 6.53
N ARG A 358 27.57 -0.25 6.06
CA ARG A 358 27.52 -0.58 4.62
C ARG A 358 26.63 0.42 3.87
N ASP A 359 26.85 0.58 2.57
CA ASP A 359 25.89 1.32 1.76
C ASP A 359 24.56 0.54 1.60
N SER A 360 23.49 1.23 1.27
CA SER A 360 22.18 0.62 1.09
C SER A 360 22.20 -0.47 0.01
N GLU A 361 23.07 -0.32 -0.99
CA GLU A 361 23.26 -1.38 -2.01
C GLU A 361 23.61 -2.74 -1.42
N HIS A 362 24.57 -2.76 -0.50
CA HIS A 362 25.07 -3.99 0.08
C HIS A 362 24.20 -4.54 1.21
N VAL A 363 23.60 -3.67 2.01
CA VAL A 363 22.61 -4.12 2.97
C VAL A 363 21.57 -5.00 2.26
N PHE A 364 21.00 -4.50 1.17
CA PHE A 364 19.97 -5.26 0.47
C PHE A 364 20.48 -6.43 -0.38
N SER A 365 21.68 -6.31 -0.94
CA SER A 365 22.20 -7.37 -1.80
C SER A 365 22.59 -8.61 -0.97
N ALA A 366 22.93 -8.42 0.31
CA ALA A 366 23.28 -9.55 1.16
C ALA A 366 22.14 -10.56 1.35
N PHE A 367 20.88 -10.13 1.15
CA PHE A 367 19.74 -11.05 1.23
C PHE A 367 19.78 -12.03 0.06
N PRO A 368 19.28 -13.27 0.25
CA PRO A 368 19.15 -14.23 -0.85
C PRO A 368 18.34 -13.68 -2.05
N SER A 369 18.72 -14.10 -3.25
CA SER A 369 18.13 -13.62 -4.49
C SER A 369 17.87 -14.80 -5.38
N ASP A 370 16.76 -14.75 -6.10
CA ASP A 370 16.40 -15.76 -7.07
C ASP A 370 16.08 -15.09 -8.39
N ILE A 371 16.08 -15.88 -9.45
CA ILE A 371 15.62 -15.40 -10.76
C ILE A 371 14.12 -15.24 -10.69
N SER A 372 13.63 -14.04 -10.99
CA SER A 372 12.19 -13.84 -11.17
C SER A 372 11.83 -13.09 -12.46
N THR A 373 10.61 -13.32 -12.93
CA THR A 373 10.09 -12.63 -14.10
C THR A 373 9.47 -11.32 -13.64
N PRO A 374 9.32 -10.34 -14.56
CA PRO A 374 8.39 -9.26 -14.19
C PRO A 374 6.97 -9.83 -14.14
N GLU A 375 6.00 -9.03 -13.72
CA GLU A 375 4.62 -9.46 -13.86
C GLU A 375 4.28 -9.66 -15.33
N ILE A 376 3.51 -10.70 -15.59
CA ILE A 376 3.08 -11.06 -16.92
C ILE A 376 1.57 -10.87 -16.97
N ASN A 377 1.11 -10.12 -17.97
CA ASN A 377 -0.31 -9.93 -18.17
C ASN A 377 -0.79 -10.70 -19.39
N ILE A 378 -1.93 -11.35 -19.26
CA ILE A 378 -2.62 -11.92 -20.40
C ILE A 378 -3.96 -11.25 -20.50
N THR A 379 -4.19 -10.46 -21.55
CA THR A 379 -5.50 -9.89 -21.76
C THR A 379 -6.46 -11.01 -22.16
N VAL A 380 -7.49 -11.19 -21.34
CA VAL A 380 -8.53 -12.14 -21.60
C VAL A 380 -9.77 -11.30 -21.85
N THR A 381 -10.92 -11.71 -21.34
CA THR A 381 -12.11 -10.86 -21.42
C THR A 381 -12.75 -10.78 -20.03
N GLU A 382 -13.66 -9.82 -19.89
CA GLU A 382 -14.32 -9.60 -18.61
C GLU A 382 -15.19 -10.81 -18.23
N ASP A 383 -15.85 -11.39 -19.23
CA ASP A 383 -16.65 -12.62 -19.08
C ASP A 383 -15.86 -13.80 -18.53
N SER A 384 -14.63 -13.97 -19.01
CA SER A 384 -13.87 -15.19 -18.78
C SER A 384 -12.86 -15.18 -17.63
N LYS A 385 -12.52 -14.00 -17.09
CA LYS A 385 -11.32 -13.92 -16.25
C LYS A 385 -11.41 -14.73 -14.95
N PHE A 386 -12.52 -14.56 -14.24
CA PHE A 386 -12.72 -15.31 -13.03
C PHE A 386 -12.96 -16.78 -13.30
N ALA A 387 -13.71 -17.10 -14.36
CA ALA A 387 -13.92 -18.51 -14.75
C ALA A 387 -12.62 -19.26 -15.06
N ILE A 388 -11.66 -18.60 -15.71
CA ILE A 388 -10.37 -19.22 -15.99
C ILE A 388 -9.69 -19.66 -14.69
N ILE A 389 -9.67 -18.77 -13.69
CA ILE A 389 -9.07 -19.07 -12.39
C ILE A 389 -9.85 -20.20 -11.71
N GLU A 390 -11.18 -20.12 -11.71
CA GLU A 390 -11.96 -21.21 -11.10
C GLU A 390 -11.76 -22.56 -11.80
N ALA A 391 -11.68 -22.55 -13.13
CA ALA A 391 -11.35 -23.77 -13.89
C ALA A 391 -10.01 -24.33 -13.41
N LEU A 392 -9.02 -23.45 -13.22
CA LEU A 392 -7.72 -23.91 -12.77
C LEU A 392 -7.81 -24.49 -11.36
N GLN A 393 -8.50 -23.79 -10.45
CA GLN A 393 -8.72 -24.28 -9.09
C GLN A 393 -9.39 -25.64 -9.08
N ARG A 394 -10.32 -25.88 -10.01
CA ARG A 394 -11.04 -27.15 -10.14
C ARG A 394 -10.21 -28.26 -10.80
N ASP A 395 -9.64 -27.96 -11.97
CA ASP A 395 -9.11 -28.96 -12.92
C ASP A 395 -7.59 -29.08 -12.93
N ALA A 396 -6.83 -28.04 -12.60
CA ALA A 396 -5.37 -28.06 -12.79
C ALA A 396 -4.66 -29.11 -11.93
N GLN A 397 -3.58 -29.67 -12.47
CA GLN A 397 -2.71 -30.59 -11.71
C GLN A 397 -1.31 -29.96 -11.57
N TRP A 398 -0.75 -29.98 -10.38
CA TRP A 398 0.45 -29.19 -10.09
C TRP A 398 1.70 -29.94 -9.59
N GLY A 399 1.73 -31.27 -9.76
CA GLY A 399 2.88 -32.08 -9.36
C GLY A 399 3.14 -32.02 -7.86
N GLU A 400 4.40 -31.82 -7.48
CA GLU A 400 4.79 -31.73 -6.07
C GLU A 400 4.55 -30.37 -5.42
N GLY A 401 3.43 -29.72 -5.73
CA GLY A 401 3.27 -28.30 -5.34
C GLY A 401 2.25 -27.94 -4.28
N ASN A 402 2.68 -27.18 -3.26
CA ASN A 402 1.74 -26.55 -2.33
C ASN A 402 0.86 -25.49 -3.03
N ILE A 403 -0.46 -25.72 -3.03
CA ILE A 403 -1.42 -24.82 -3.62
C ILE A 403 -2.04 -23.89 -2.59
N THR A 404 -1.96 -22.59 -2.84
CA THR A 404 -2.71 -21.59 -2.12
C THR A 404 -3.72 -20.98 -3.09
N THR A 405 -4.97 -20.90 -2.66
CA THR A 405 -6.00 -20.31 -3.49
C THR A 405 -6.62 -19.13 -2.73
N LEU A 406 -5.87 -18.59 -1.77
CA LEU A 406 -6.25 -17.34 -1.10
C LEU A 406 -6.64 -16.27 -2.11
N ASP A 407 -5.87 -16.18 -3.20
CA ASP A 407 -6.00 -15.11 -4.19
C ASP A 407 -5.49 -15.59 -5.55
N GLY A 408 -6.39 -16.17 -6.35
CA GLY A 408 -5.98 -16.81 -7.59
C GLY A 408 -5.40 -18.17 -7.26
N VAL A 409 -4.41 -18.60 -8.03
CA VAL A 409 -3.75 -19.84 -7.73
C VAL A 409 -2.27 -19.59 -7.63
N ARG A 410 -1.72 -19.87 -6.46
CA ARG A 410 -0.29 -19.80 -6.23
C ARG A 410 0.17 -21.20 -5.93
N VAL A 411 1.26 -21.62 -6.57
CA VAL A 411 1.81 -22.94 -6.32
C VAL A 411 3.27 -22.81 -5.92
N ASP A 412 3.59 -23.38 -4.75
CA ASP A 412 4.95 -23.34 -4.26
C ASP A 412 5.59 -24.72 -4.37
N TYR A 413 6.77 -24.76 -4.98
CA TYR A 413 7.58 -25.96 -5.09
C TYR A 413 8.79 -25.74 -4.21
N PRO A 414 9.54 -26.81 -3.88
CA PRO A 414 10.78 -26.62 -3.13
C PRO A 414 11.76 -25.59 -3.71
N LYS A 415 11.86 -25.50 -5.04
CA LYS A 415 12.87 -24.62 -5.64
C LYS A 415 12.34 -23.38 -6.35
N GLY A 416 11.03 -23.17 -6.35
CA GLY A 416 10.44 -21.96 -6.90
C GLY A 416 8.92 -21.93 -6.75
N TRP A 417 8.28 -20.95 -7.37
CA TRP A 417 6.84 -20.84 -7.25
C TRP A 417 6.29 -20.08 -8.43
N GLY A 418 4.99 -20.23 -8.66
CA GLY A 418 4.27 -19.47 -9.69
C GLY A 418 2.92 -18.97 -9.19
N LEU A 419 2.46 -17.86 -9.77
CA LEU A 419 1.18 -17.28 -9.39
C LEU A 419 0.35 -16.88 -10.61
N VAL A 420 -0.92 -17.23 -10.60
CA VAL A 420 -1.85 -16.64 -11.58
C VAL A 420 -3.06 -16.11 -10.88
N ARG A 421 -3.36 -14.84 -11.12
CA ARG A 421 -4.57 -14.26 -10.56
C ARG A 421 -5.30 -13.39 -11.60
N ALA A 422 -6.58 -13.12 -11.36
CA ALA A 422 -7.37 -12.27 -12.23
C ALA A 422 -7.28 -10.86 -11.70
N SER A 423 -7.00 -9.93 -12.59
CA SER A 423 -6.96 -8.54 -12.20
C SER A 423 -8.36 -8.14 -11.80
N ASN A 424 -8.49 -7.33 -10.76
CA ASN A 424 -9.84 -6.88 -10.33
C ASN A 424 -10.39 -5.72 -11.12
N THR A 425 -9.55 -5.01 -11.84
CA THR A 425 -9.98 -3.76 -12.45
C THR A 425 -9.93 -3.80 -13.97
N THR A 426 -9.28 -4.83 -14.51
CA THR A 426 -9.03 -4.94 -15.94
C THR A 426 -9.23 -6.41 -16.34
N PRO A 427 -9.60 -6.67 -17.63
CA PRO A 427 -9.84 -8.07 -18.03
C PRO A 427 -8.54 -8.82 -18.33
N VAL A 428 -7.75 -9.04 -17.29
CA VAL A 428 -6.37 -9.45 -17.43
C VAL A 428 -6.04 -10.55 -16.41
N LEU A 429 -5.33 -11.57 -16.86
CA LEU A 429 -4.71 -12.51 -15.92
C LEU A 429 -3.32 -11.98 -15.60
N VAL A 430 -2.92 -12.05 -14.32
CA VAL A 430 -1.62 -11.55 -13.88
C VAL A 430 -0.82 -12.72 -13.34
N LEU A 431 0.41 -12.87 -13.84
CA LEU A 431 1.30 -13.98 -13.51
C LEU A 431 2.63 -13.47 -12.99
N ARG A 432 3.20 -14.20 -12.05
CA ARG A 432 4.60 -13.99 -11.60
C ARG A 432 5.23 -15.35 -11.37
N PHE A 433 6.52 -15.46 -11.64
CA PHE A 433 7.28 -16.69 -11.43
C PHE A 433 8.61 -16.37 -10.79
N GLU A 434 9.05 -17.22 -9.87
CA GLU A 434 10.36 -17.07 -9.26
C GLU A 434 10.96 -18.46 -9.01
N ALA A 435 12.27 -18.56 -9.14
CA ALA A 435 12.97 -19.83 -8.95
C ALA A 435 14.43 -19.55 -8.68
N ASP A 436 15.10 -20.48 -7.98
CA ASP A 436 16.53 -20.33 -7.69
C ASP A 436 17.42 -20.55 -8.90
N THR A 437 16.87 -21.12 -9.96
CA THR A 437 17.61 -21.38 -11.20
C THR A 437 16.83 -21.00 -12.46
N GLU A 438 17.57 -20.75 -13.54
CA GLU A 438 16.98 -20.52 -14.86
C GLU A 438 16.12 -21.69 -15.32
N GLU A 439 16.60 -22.90 -15.07
CA GLU A 439 15.88 -24.12 -15.47
C GLU A 439 14.59 -24.33 -14.70
N GLU A 440 14.65 -24.13 -13.38
CA GLU A 440 13.50 -24.34 -12.51
C GLU A 440 12.44 -23.34 -12.90
N LEU A 441 12.86 -22.13 -13.26
CA LEU A 441 11.97 -21.10 -13.78
C LEU A 441 11.17 -21.62 -14.97
N GLU A 442 11.90 -22.21 -15.92
CA GLU A 442 11.35 -22.82 -17.13
C GLU A 442 10.40 -23.95 -16.82
N ARG A 443 10.86 -24.84 -15.94
CA ARG A 443 10.09 -25.98 -15.47
C ARG A 443 8.79 -25.56 -14.76
N ILE A 444 8.81 -24.43 -14.05
CA ILE A 444 7.58 -23.90 -13.41
C ILE A 444 6.69 -23.16 -14.41
N LYS A 445 7.30 -22.29 -15.20
CA LYS A 445 6.63 -21.57 -16.28
C LYS A 445 5.93 -22.54 -17.23
N THR A 446 6.59 -23.66 -17.50
CA THR A 446 6.11 -24.69 -18.42
C THR A 446 4.83 -25.37 -17.89
N VAL A 447 4.83 -25.66 -16.58
CA VAL A 447 3.69 -26.25 -15.89
C VAL A 447 2.47 -25.33 -15.97
N PHE A 448 2.68 -24.02 -15.76
CA PHE A 448 1.57 -23.04 -15.81
C PHE A 448 0.99 -22.90 -17.20
N ARG A 449 1.89 -22.84 -18.19
CA ARG A 449 1.52 -22.79 -19.59
C ARG A 449 0.67 -24.01 -19.92
N ASN A 450 1.09 -25.19 -19.47
CA ASN A 450 0.33 -26.41 -19.74
C ASN A 450 -1.04 -26.40 -19.06
N GLN A 451 -1.10 -25.87 -17.83
CA GLN A 451 -2.35 -25.90 -17.09
C GLN A 451 -3.34 -24.85 -17.61
N LEU A 452 -2.84 -23.74 -18.16
CA LEU A 452 -3.70 -22.74 -18.78
C LEU A 452 -4.25 -23.31 -20.07
N LYS A 453 -3.40 -24.09 -20.76
CA LYS A 453 -3.76 -24.71 -22.04
C LYS A 453 -4.79 -25.82 -21.85
N ALA A 454 -4.68 -26.57 -20.76
CA ALA A 454 -5.73 -27.51 -20.38
C ALA A 454 -7.13 -26.84 -20.13
N VAL A 455 -7.15 -25.61 -19.63
CA VAL A 455 -8.42 -24.85 -19.48
C VAL A 455 -8.96 -24.41 -20.84
N ASP A 456 -8.11 -23.74 -21.61
CA ASP A 456 -8.48 -23.32 -22.94
C ASP A 456 -7.23 -23.41 -23.82
N SER A 457 -7.22 -24.35 -24.75
CA SER A 457 -6.08 -24.48 -25.65
C SER A 457 -5.85 -23.28 -26.60
N SER A 458 -6.79 -22.34 -26.62
CA SER A 458 -6.68 -21.17 -27.50
C SER A 458 -6.15 -19.93 -26.79
N LEU A 459 -5.99 -20.04 -25.49
CA LEU A 459 -5.58 -18.91 -24.66
C LEU A 459 -4.14 -18.51 -25.05
N PRO A 460 -3.89 -17.20 -25.23
CA PRO A 460 -2.54 -16.80 -25.63
C PRO A 460 -1.62 -16.73 -24.40
N VAL A 461 -0.69 -17.66 -24.27
CA VAL A 461 0.25 -17.65 -23.14
C VAL A 461 1.61 -17.07 -23.56
N PRO A 462 1.84 -15.77 -23.26
CA PRO A 462 3.04 -15.11 -23.78
C PRO A 462 4.25 -15.40 -22.91
N PHE A 463 4.39 -16.64 -22.47
CA PHE A 463 5.59 -17.09 -21.76
C PHE A 463 5.75 -18.59 -21.97
ZN ZN B . -1.71 5.68 -2.57
P PO4 C . -3.37 4.01 -3.99
O1 PO4 C . -2.89 4.87 -5.12
O2 PO4 C . -3.45 4.85 -2.74
O3 PO4 C . -4.72 3.40 -4.31
O4 PO4 C . -2.32 2.93 -3.81
#